data_7YGA
#
_entry.id   7YGA
#
_cell.length_a   1.00
_cell.length_b   1.00
_cell.length_c   1.00
_cell.angle_alpha   90.00
_cell.angle_beta   90.00
_cell.angle_gamma   90.00
#
_symmetry.space_group_name_H-M   'P 1'
#
loop_
_entity.id
_entity.type
_entity.pdbx_description
1 polymer "RNA (5'-R(*UP*CP*GP*(SSU)P*AP*AP*CP*C)-3')"
2 polymer "RNA (5'-R(*CP*CP*CP*UP*CP*U)-3')"
3 polymer 'RNA (393-MER)'
4 non-polymer 'MAGNESIUM ION'
#
loop_
_entity_poly.entity_id
_entity_poly.type
_entity_poly.pdbx_seq_one_letter_code
_entity_poly.pdbx_strand_id
1 'polyribonucleotide' UCG(SSU)AACC A
2 'polyribonucleotide' CCCUCU B
3 'polyribonucleotide'
;GGUUUGGAGGGAAAAGUUAUCAGGCAUGCACCUGGUAGCUAGUCUUUAAACCAAUAGAUUGCAUCGGUUUAAAAGGCAAG
ACCGUCAAAUUGCGGGAAAGGGGUCAACAGCCGUUCAGUACCAAGUCUCAGGGGAAACUUUGAGAUGGCCUUGCAAAGGG
UAUGGUAAUAAGCUGACGGACAUGGUCCUAACCACGCAGCCAAGUCCUAAGUCAACAGAUCUUCUGUUGAUAUGGAUGCA
GUUCACAGACUAAAUGUCGGUCGGGGAAGAUGUAUUCUUCUCAUAAGAUAUAGUCGGACCUCUCCUUAAUGGGAGCUAGC
GGAUGAAGUGAUGCAACACUGGAGCCGCUGGGAACUAAUUUGUAUGCGAAAGUAUAUUGAUUAGUUUUGGAGU
;
N
#
loop_
_chem_comp.id
_chem_comp.type
_chem_comp.name
_chem_comp.formula
A RNA linking ADENOSINE-5'-MONOPHOSPHATE 'C10 H14 N5 O7 P'
C RNA linking CYTIDINE-5'-MONOPHOSPHATE 'C9 H14 N3 O8 P'
G RNA linking GUANOSINE-5'-MONOPHOSPHATE 'C10 H14 N5 O8 P'
MG non-polymer 'MAGNESIUM ION' 'Mg 2'
SSU RNA linking URIDINE-5'-PHOSPHOROTHIOATE 'C9 H13 N2 O8 P S'
U RNA linking URIDINE-5'-MONOPHOSPHATE 'C9 H13 N2 O9 P'
#
# COMPACT_ATOMS: atom_id res chain seq x y z
O2' SSU A 4 -1.21 0.60 -5.18
C2' SSU A 4 0.02 -0.12 -4.97
C1' SSU A 4 1.05 0.78 -4.34
O4' SSU A 4 1.00 0.54 -2.92
C4' SSU A 4 0.01 -0.46 -2.63
C5' SSU A 4 0.44 -1.35 -1.48
O5' SSU A 4 0.09 -0.74 -0.24
P SSU A 4 0.25 -1.62 1.10
S1P SSU A 4 0.57 -0.64 2.76
OP2 SSU A 4 1.34 -2.79 0.90
C3' SSU A 4 -0.18 -1.20 -3.94
O3' SSU A 4 -1.45 -1.87 -4.04
N1 SSU A 4 2.31 0.47 -5.02
C6 SSU A 4 2.36 0.81 -6.31
C5 SSU A 4 3.50 0.56 -7.06
C4 SSU A 4 4.58 -0.07 -6.46
O4 SSU A 4 5.61 -0.31 -7.11
N3 SSU A 4 4.52 -0.42 -5.17
C2 SSU A 4 3.43 -0.17 -4.44
O2 SSU A 4 3.46 -0.53 -3.24
MG MG D . 0.19 1.00 3.41
MG MG E . -7.36 1.07 1.07
MG MG F . -11.00 -0.92 11.02
MG MG G . 0.06 -6.63 7.66
MG MG H . -4.87 6.77 11.06
MG MG I . -4.89 1.39 11.96
MG MG J . -4.08 -2.05 13.84
MG MG K . 0.27 7.92 9.78
#